data_1XMA
#
_entry.id   1XMA
#
_cell.length_a   45.483
_cell.length_b   52.160
_cell.length_c   51.076
_cell.angle_alpha   90.00
_cell.angle_beta   92.46
_cell.angle_gamma   90.00
#
_symmetry.space_group_name_H-M   'P 1 21 1'
#
loop_
_entity.id
_entity.type
_entity.pdbx_description
1 polymer 'Predicted transcriptional regulator'
2 non-polymer 'MERCURY (II) ION'
3 non-polymer 'UNKNOWN ATOM OR ION'
4 water water
#
_entity_poly.entity_id   1
_entity_poly.type   'polypeptide(L)'
_entity_poly.pdbx_seq_one_letter_code
;MGSSHHHHHHSSGLVPRGSQSTSLYKKAGLMVISSDVIRGYVDTIILSLLIEGDSYGYEISKNIRIKTDELYVIKETTLY
SAFARLEKNGYIKSYYGEETQGKRRTYYRITPEGIKYYKQKCEEWELTKKVINKFVKELESNGDN
;
_entity_poly.pdbx_strand_id   A,B
#
loop_
_chem_comp.id
_chem_comp.type
_chem_comp.name
_chem_comp.formula
HG non-polymer 'MERCURY (II) ION' 'Hg 2'
UNX non-polymer 'UNKNOWN ATOM OR ION' ?
#
# COMPACT_ATOMS: atom_id res chain seq x y z
N SER A 35 -21.70 17.68 -19.13
CA SER A 35 -22.91 18.44 -18.77
C SER A 35 -22.93 18.75 -17.25
N ASP A 36 -23.96 19.51 -16.83
CA ASP A 36 -24.39 19.54 -15.43
C ASP A 36 -25.23 18.28 -15.10
N VAL A 37 -25.57 17.51 -16.13
CA VAL A 37 -26.32 16.28 -15.96
C VAL A 37 -25.43 15.18 -15.37
N ILE A 38 -24.23 15.02 -15.93
CA ILE A 38 -23.26 14.03 -15.46
C ILE A 38 -22.78 14.34 -14.01
N ARG A 39 -22.83 15.61 -13.61
CA ARG A 39 -22.52 16.04 -12.22
C ARG A 39 -23.19 15.16 -11.16
N GLY A 40 -24.44 14.78 -11.41
CA GLY A 40 -25.18 13.87 -10.51
C GLY A 40 -24.58 12.51 -10.25
N TYR A 41 -23.71 12.03 -11.16
CA TYR A 41 -23.11 10.66 -11.08
C TYR A 41 -21.60 10.55 -11.18
N VAL A 42 -20.91 11.68 -11.25
CA VAL A 42 -19.43 11.72 -11.19
C VAL A 42 -18.89 10.83 -10.06
N ASP A 43 -19.39 11.05 -8.84
CA ASP A 43 -18.85 10.37 -7.64
C ASP A 43 -19.11 8.90 -7.73
N THR A 44 -20.31 8.54 -8.18
CA THR A 44 -20.75 7.13 -8.34
C THR A 44 -19.94 6.37 -9.40
N ILE A 45 -19.57 7.07 -10.47
CA ILE A 45 -18.70 6.54 -11.50
C ILE A 45 -17.31 6.20 -10.92
N ILE A 46 -16.77 7.10 -10.09
CA ILE A 46 -15.47 6.89 -9.44
C ILE A 46 -15.54 5.74 -8.44
N LEU A 47 -16.61 5.73 -7.62
CA LEU A 47 -16.83 4.68 -6.65
C LEU A 47 -16.96 3.30 -7.30
N SER A 48 -17.64 3.26 -8.44
CA SER A 48 -17.78 2.05 -9.26
C SER A 48 -16.43 1.39 -9.68
N LEU A 49 -15.53 2.20 -10.21
CA LEU A 49 -14.15 1.81 -10.49
C LEU A 49 -13.40 1.42 -9.22
N LEU A 50 -13.62 2.16 -8.13
CA LEU A 50 -12.98 1.82 -6.83
C LEU A 50 -13.44 0.51 -6.26
N ILE A 51 -14.70 0.13 -6.53
CA ILE A 51 -15.21 -1.20 -6.16
C ILE A 51 -14.43 -2.34 -6.87
N GLU A 52 -14.04 -2.11 -8.13
CA GLU A 52 -13.24 -3.08 -8.91
C GLU A 52 -11.78 -3.14 -8.44
N GLY A 53 -11.34 -2.12 -7.70
CA GLY A 53 -10.03 -2.15 -7.04
C GLY A 53 -9.61 -0.75 -6.68
N ASP A 54 -8.72 -0.63 -5.71
CA ASP A 54 -8.02 0.63 -5.41
C ASP A 54 -7.44 1.21 -6.68
N SER A 55 -7.39 2.52 -6.73
CA SER A 55 -6.92 3.18 -7.91
C SER A 55 -6.38 4.54 -7.50
N TYR A 56 -5.99 5.31 -8.51
CA TYR A 56 -5.44 6.63 -8.33
C TYR A 56 -5.84 7.44 -9.54
N GLY A 57 -5.59 8.74 -9.48
CA GLY A 57 -6.16 9.71 -10.40
C GLY A 57 -5.99 9.45 -11.89
N TYR A 58 -4.73 9.37 -12.34
CA TYR A 58 -4.45 9.06 -13.72
C TYR A 58 -5.13 7.76 -14.20
N GLU A 59 -5.10 6.71 -13.37
CA GLU A 59 -5.72 5.44 -13.75
C GLU A 59 -7.26 5.54 -13.79
N ILE A 60 -7.86 6.26 -12.83
CA ILE A 60 -9.33 6.45 -12.84
C ILE A 60 -9.78 7.19 -14.13
N SER A 61 -9.08 8.28 -14.45
CA SER A 61 -9.36 9.07 -15.65
C SER A 61 -9.28 8.22 -16.93
N LYS A 62 -8.21 7.43 -17.04
CA LYS A 62 -7.99 6.53 -18.19
C LYS A 62 -9.12 5.51 -18.30
N ASN A 63 -9.51 4.94 -17.18
CA ASN A 63 -10.56 3.92 -17.18
C ASN A 63 -11.92 4.44 -17.63
N ILE A 64 -12.23 5.67 -17.26
CA ILE A 64 -13.41 6.37 -17.76
C ILE A 64 -13.38 6.54 -19.30
N ARG A 65 -12.31 7.14 -19.83
CA ARG A 65 -12.04 7.26 -21.28
C ARG A 65 -12.30 5.93 -21.97
N ILE A 66 -11.55 4.93 -21.56
CA ILE A 66 -11.61 3.60 -22.14
C ILE A 66 -13.01 2.99 -22.04
N LYS A 67 -13.56 2.97 -20.83
CA LYS A 67 -14.83 2.28 -20.56
C LYS A 67 -15.98 2.90 -21.38
N THR A 68 -15.95 4.22 -21.54
CA THR A 68 -17.01 4.91 -22.31
C THR A 68 -16.65 4.98 -23.79
N ASP A 69 -15.47 4.46 -24.15
CA ASP A 69 -14.85 4.67 -25.46
C ASP A 69 -14.91 6.14 -25.92
N GLU A 70 -14.35 7.03 -25.09
CA GLU A 70 -14.20 8.48 -25.38
C GLU A 70 -15.47 9.32 -25.21
N LEU A 71 -16.62 8.67 -25.01
CA LEU A 71 -17.89 9.38 -24.87
C LEU A 71 -17.87 10.32 -23.65
N TYR A 72 -17.28 9.85 -22.54
CA TYR A 72 -16.96 10.73 -21.42
C TYR A 72 -15.45 10.79 -21.06
N VAL A 73 -14.90 12.01 -21.04
CA VAL A 73 -13.54 12.25 -20.54
C VAL A 73 -13.58 13.29 -19.40
N ILE A 74 -13.40 12.80 -18.18
CA ILE A 74 -13.46 13.64 -16.98
C ILE A 74 -12.35 14.70 -17.01
N LYS A 75 -12.69 15.93 -16.62
CA LYS A 75 -11.72 17.02 -16.53
C LYS A 75 -10.89 16.90 -15.25
N GLU A 76 -9.60 17.22 -15.33
CA GLU A 76 -8.70 17.21 -14.16
C GLU A 76 -9.25 17.93 -12.92
N THR A 77 -9.96 19.05 -13.11
CA THR A 77 -10.45 19.80 -11.94
C THR A 77 -11.64 19.06 -11.31
N THR A 78 -12.55 18.60 -12.17
CA THR A 78 -13.69 17.78 -11.76
C THR A 78 -13.29 16.54 -11.00
N LEU A 79 -12.21 15.90 -11.43
CA LEU A 79 -11.78 14.66 -10.83
C LEU A 79 -11.16 14.89 -9.44
N TYR A 80 -10.37 15.94 -9.30
CA TYR A 80 -9.74 16.20 -8.02
C TYR A 80 -10.71 16.77 -6.97
N SER A 81 -11.73 17.48 -7.46
CA SER A 81 -12.85 17.96 -6.64
C SER A 81 -13.66 16.80 -6.08
N ALA A 82 -13.89 15.81 -6.91
CA ALA A 82 -14.69 14.67 -6.54
C ALA A 82 -13.94 13.75 -5.54
N PHE A 83 -12.64 13.55 -5.76
CA PHE A 83 -11.77 12.87 -4.77
C PHE A 83 -11.87 13.50 -3.42
N ALA A 84 -11.88 14.82 -3.43
CA ALA A 84 -11.83 15.62 -2.22
C ALA A 84 -13.14 15.57 -1.46
N ARG A 85 -14.24 15.63 -2.21
CA ARG A 85 -15.60 15.54 -1.66
C ARG A 85 -15.91 14.13 -1.17
N LEU A 86 -15.51 13.13 -1.94
CA LEU A 86 -15.71 11.73 -1.55
C LEU A 86 -15.00 11.39 -0.25
N GLU A 87 -13.78 11.93 -0.09
CA GLU A 87 -12.99 11.75 1.12
C GLU A 87 -13.52 12.55 2.32
N LYS A 88 -13.90 13.80 2.08
CA LYS A 88 -14.68 14.59 3.03
C LYS A 88 -15.93 13.81 3.53
N ASN A 89 -16.66 13.21 2.61
CA ASN A 89 -17.89 12.50 2.95
C ASN A 89 -17.69 11.11 3.60
N GLY A 90 -16.43 10.68 3.73
CA GLY A 90 -16.11 9.36 4.30
C GLY A 90 -16.41 8.21 3.35
N TYR A 91 -16.32 8.45 2.03
CA TYR A 91 -16.69 7.42 1.06
C TYR A 91 -15.48 6.71 0.47
N ILE A 92 -14.32 7.37 0.57
CA ILE A 92 -13.02 6.81 0.17
C ILE A 92 -11.97 7.22 1.18
N LYS A 93 -10.90 6.42 1.28
CA LYS A 93 -9.67 6.78 2.01
C LYS A 93 -8.43 6.86 1.11
N SER A 94 -7.62 7.87 1.31
CA SER A 94 -6.36 7.96 0.59
C SER A 94 -5.24 7.22 1.32
N TYR A 95 -4.33 6.65 0.52
CA TYR A 95 -3.04 6.18 1.05
C TYR A 95 -1.93 6.45 0.04
N TYR A 96 -0.69 6.23 0.46
CA TYR A 96 0.45 6.65 -0.33
C TYR A 96 1.38 5.53 -0.76
N GLY A 97 1.81 5.59 -2.01
CA GLY A 97 2.84 4.70 -2.50
C GLY A 97 4.23 5.15 -2.08
N GLU A 98 5.23 4.45 -2.61
CA GLU A 98 6.62 4.74 -2.36
C GLU A 98 6.96 6.07 -2.98
N GLU A 99 7.94 6.75 -2.42
CA GLU A 99 8.45 7.97 -3.03
C GLU A 99 9.33 7.66 -4.24
N THR A 100 8.83 7.94 -5.44
CA THR A 100 9.66 7.83 -6.64
C THR A 100 9.75 9.15 -7.41
N LYS A 103 8.30 12.45 -5.40
CA LYS A 103 6.84 12.35 -5.19
C LYS A 103 6.27 10.93 -4.90
N ARG A 104 5.12 10.90 -4.24
CA ARG A 104 4.42 9.65 -3.90
C ARG A 104 3.05 9.68 -4.52
N ARG A 105 2.68 8.55 -5.11
CA ARG A 105 1.35 8.37 -5.69
C ARG A 105 0.27 8.27 -4.61
N THR A 106 -0.89 8.88 -4.87
CA THR A 106 -2.00 8.90 -3.93
C THR A 106 -3.07 7.90 -4.38
N TYR A 107 -3.21 6.81 -3.60
CA TYR A 107 -4.23 5.83 -3.88
C TYR A 107 -5.48 6.12 -3.07
N TYR A 108 -6.62 5.67 -3.60
CA TYR A 108 -7.90 5.70 -2.89
C TYR A 108 -8.50 4.30 -2.79
N ARG A 109 -9.09 4.02 -1.64
CA ARG A 109 -9.83 2.78 -1.39
C ARG A 109 -11.22 3.16 -0.91
N ILE A 110 -12.24 2.55 -1.53
CA ILE A 110 -13.64 2.74 -1.14
C ILE A 110 -13.88 2.25 0.31
N THR A 111 -14.72 2.96 1.05
CA THR A 111 -15.04 2.57 2.43
C THR A 111 -16.38 1.78 2.42
N PRO A 112 -16.71 1.10 3.56
CA PRO A 112 -18.06 0.50 3.62
C PRO A 112 -19.21 1.51 3.41
N GLU A 113 -19.08 2.73 3.95
CA GLU A 113 -20.02 3.82 3.67
C GLU A 113 -20.06 4.26 2.20
N GLY A 114 -18.88 4.25 1.54
CA GLY A 114 -18.81 4.53 0.10
C GLY A 114 -19.61 3.56 -0.73
N ILE A 115 -19.51 2.27 -0.37
CA ILE A 115 -20.35 1.19 -0.97
C ILE A 115 -21.87 1.38 -0.69
N LYS A 116 -22.21 1.74 0.53
CA LYS A 116 -23.61 2.08 0.86
C LYS A 116 -24.16 3.22 -0.02
N TYR A 117 -23.40 4.31 -0.13
CA TYR A 117 -23.77 5.45 -0.98
C TYR A 117 -23.84 5.06 -2.47
N TYR A 118 -22.85 4.31 -2.93
CA TYR A 118 -22.88 3.77 -4.29
C TYR A 118 -24.23 3.06 -4.61
N LYS A 119 -24.66 2.17 -3.72
CA LYS A 119 -25.85 1.36 -3.98
C LYS A 119 -27.17 2.13 -3.83
N GLN A 120 -27.16 3.20 -3.05
CA GLN A 120 -28.33 4.09 -3.04
C GLN A 120 -28.39 4.94 -4.33
N LYS A 121 -27.23 5.33 -4.85
CA LYS A 121 -27.20 6.05 -6.10
C LYS A 121 -27.55 5.19 -7.32
N CYS A 122 -27.26 3.89 -7.27
CA CYS A 122 -27.74 2.96 -8.33
C CYS A 122 -29.27 2.88 -8.38
N GLU A 123 -29.91 2.73 -7.22
CA GLU A 123 -31.37 2.74 -7.12
C GLU A 123 -31.97 4.04 -7.65
N GLU A 124 -31.40 5.17 -7.21
CA GLU A 124 -31.78 6.51 -7.68
C GLU A 124 -31.71 6.66 -9.22
N TRP A 125 -30.63 6.14 -9.81
CA TRP A 125 -30.40 6.18 -11.26
C TRP A 125 -31.50 5.40 -12.03
N GLU A 126 -31.81 4.21 -11.55
CA GLU A 126 -32.89 3.41 -12.11
C GLU A 126 -34.23 4.14 -12.10
N LEU A 127 -34.55 4.77 -10.98
CA LEU A 127 -35.73 5.64 -10.87
C LEU A 127 -35.68 6.85 -11.80
N THR A 128 -34.52 7.48 -11.90
CA THR A 128 -34.30 8.60 -12.79
C THR A 128 -34.58 8.22 -14.25
N LYS A 129 -34.01 7.10 -14.68
CA LYS A 129 -34.22 6.57 -16.03
C LYS A 129 -35.68 6.33 -16.29
N LYS A 130 -36.36 5.70 -15.33
CA LYS A 130 -37.80 5.50 -15.44
C LYS A 130 -38.55 6.81 -15.75
N VAL A 131 -38.32 7.82 -14.94
CA VAL A 131 -38.96 9.14 -15.09
C VAL A 131 -38.70 9.76 -16.47
N ILE A 132 -37.43 9.88 -16.86
CA ILE A 132 -37.06 10.53 -18.13
C ILE A 132 -37.47 9.71 -19.38
N ASN A 133 -37.34 8.37 -19.28
CA ASN A 133 -37.80 7.47 -20.32
C ASN A 133 -39.31 7.58 -20.57
N LYS A 134 -40.05 8.05 -19.57
CA LYS A 134 -41.48 8.26 -19.73
C LYS A 134 -41.78 9.30 -20.80
N PHE A 135 -40.86 10.24 -21.00
CA PHE A 135 -41.11 11.40 -21.83
C PHE A 135 -40.24 11.44 -23.05
N VAL A 136 -38.96 11.15 -22.87
CA VAL A 136 -37.96 11.28 -23.93
C VAL A 136 -37.85 9.96 -24.74
N LYS A 137 -38.51 9.94 -25.91
CA LYS A 137 -38.69 8.70 -26.68
C LYS A 137 -38.31 8.87 -28.17
N VAL B 32 19.93 -18.64 25.15
CA VAL B 32 20.42 -17.41 24.46
C VAL B 32 21.55 -17.66 23.42
N ILE B 33 21.73 -16.64 22.60
CA ILE B 33 22.47 -16.71 21.38
C ILE B 33 23.56 -15.64 21.40
N SER B 34 24.42 -15.64 20.37
CA SER B 34 25.45 -14.62 20.24
C SER B 34 24.94 -13.22 19.86
N SER B 35 25.08 -12.28 20.78
CA SER B 35 24.80 -10.86 20.51
C SER B 35 25.67 -10.30 19.35
N ASP B 36 26.91 -10.74 19.26
CA ASP B 36 27.86 -10.26 18.24
C ASP B 36 27.47 -10.68 16.83
N VAL B 37 27.08 -11.94 16.68
CA VAL B 37 26.61 -12.45 15.38
C VAL B 37 25.28 -11.80 14.96
N ILE B 38 24.29 -11.83 15.85
CA ILE B 38 23.00 -11.19 15.59
C ILE B 38 23.10 -9.70 15.19
N ARG B 39 24.04 -8.96 15.78
CA ARG B 39 24.26 -7.57 15.37
C ARG B 39 24.61 -7.49 13.89
N GLY B 40 25.46 -8.40 13.43
CA GLY B 40 25.76 -8.54 12.02
C GLY B 40 24.59 -8.89 11.10
N TYR B 41 23.50 -9.43 11.64
CA TYR B 41 22.41 -9.96 10.79
C TYR B 41 21.03 -9.32 10.91
N VAL B 42 20.91 -8.34 11.79
CA VAL B 42 19.66 -7.62 12.03
C VAL B 42 19.03 -7.19 10.72
N ASP B 43 19.78 -6.43 9.92
CA ASP B 43 19.27 -5.90 8.64
C ASP B 43 18.86 -7.00 7.69
N THR B 44 19.68 -8.04 7.61
CA THR B 44 19.43 -9.19 6.75
C THR B 44 18.14 -9.93 7.18
N ILE B 45 17.95 -10.09 8.50
CA ILE B 45 16.72 -10.65 9.07
C ILE B 45 15.45 -9.81 8.75
N ILE B 46 15.56 -8.49 8.83
CA ILE B 46 14.46 -7.59 8.47
C ILE B 46 14.17 -7.62 6.97
N LEU B 47 15.21 -7.65 6.16
CA LEU B 47 15.09 -7.80 4.71
C LEU B 47 14.45 -9.13 4.33
N SER B 48 14.84 -10.17 5.05
CA SER B 48 14.31 -11.50 4.84
C SER B 48 12.77 -11.54 5.02
N LEU B 49 12.28 -10.89 6.06
CA LEU B 49 10.84 -10.78 6.28
C LEU B 49 10.12 -9.94 5.21
N LEU B 50 10.81 -8.90 4.72
CA LEU B 50 10.26 -8.05 3.68
C LEU B 50 10.21 -8.73 2.31
N ILE B 51 11.09 -9.72 2.10
CA ILE B 51 11.00 -10.55 0.88
C ILE B 51 9.71 -11.42 0.86
N GLU B 52 9.27 -11.86 2.04
CA GLU B 52 8.00 -12.55 2.18
C GLU B 52 6.79 -11.63 1.92
N GLY B 53 6.84 -10.41 2.46
CA GLY B 53 5.87 -9.39 2.13
C GLY B 53 6.14 -8.07 2.84
N ASP B 54 5.64 -6.99 2.24
CA ASP B 54 5.55 -5.69 2.90
C ASP B 54 5.12 -5.86 4.34
N SER B 55 5.73 -5.08 5.22
CA SER B 55 5.42 -5.19 6.63
C SER B 55 5.67 -3.88 7.38
N TYR B 56 5.38 -3.88 8.68
CA TYR B 56 5.54 -2.69 9.48
C TYR B 56 6.21 -3.05 10.79
N GLY B 57 6.68 -2.04 11.53
CA GLY B 57 7.46 -2.24 12.75
C GLY B 57 6.98 -3.32 13.71
N TYR B 58 5.76 -3.21 14.23
CA TYR B 58 5.29 -4.20 15.19
C TYR B 58 5.15 -5.62 14.64
N GLU B 59 4.61 -5.75 13.45
CA GLU B 59 4.53 -7.06 12.81
C GLU B 59 5.89 -7.72 12.63
N ILE B 60 6.89 -6.92 12.25
CA ILE B 60 8.26 -7.42 11.99
C ILE B 60 8.91 -8.01 13.26
N SER B 61 8.89 -7.24 14.35
CA SER B 61 9.43 -7.70 15.64
C SER B 61 8.64 -8.88 16.23
N LYS B 62 7.32 -8.83 16.09
CA LYS B 62 6.49 -9.96 16.45
C LYS B 62 6.92 -11.20 15.67
N ASN B 63 7.12 -11.03 14.37
CA ASN B 63 7.52 -12.14 13.50
C ASN B 63 8.90 -12.70 13.83
N ILE B 64 9.86 -11.81 14.12
CA ILE B 64 11.18 -12.21 14.64
C ILE B 64 11.10 -13.11 15.89
N ARG B 65 10.38 -12.69 16.94
CA ARG B 65 10.34 -13.50 18.18
C ARG B 65 9.59 -14.82 18.03
N ILE B 66 8.53 -14.83 17.23
CA ILE B 66 7.70 -16.01 17.07
C ILE B 66 8.42 -17.07 16.28
N LYS B 67 9.02 -16.65 15.17
CA LYS B 67 9.68 -17.54 14.24
C LYS B 67 11.01 -18.04 14.77
N THR B 68 11.52 -17.42 15.83
CA THR B 68 12.77 -17.89 16.44
C THR B 68 12.47 -18.73 17.67
N ASP B 69 11.18 -18.94 17.90
CA ASP B 69 10.69 -19.69 19.04
C ASP B 69 11.02 -18.95 20.36
N GLU B 70 10.97 -17.61 20.31
CA GLU B 70 11.31 -16.73 21.45
C GLU B 70 12.81 -16.59 21.73
N LEU B 71 13.66 -17.18 20.88
CA LEU B 71 15.11 -17.11 21.08
C LEU B 71 15.66 -15.73 20.77
N TYR B 72 15.02 -15.00 19.86
CA TYR B 72 15.46 -13.65 19.60
C TYR B 72 14.29 -12.68 19.60
N VAL B 73 14.31 -11.80 20.60
CA VAL B 73 13.40 -10.69 20.66
C VAL B 73 14.18 -9.40 20.41
N ILE B 74 13.77 -8.65 19.40
CA ILE B 74 14.50 -7.45 19.02
C ILE B 74 13.99 -6.23 19.82
N LYS B 75 14.94 -5.39 20.27
CA LYS B 75 14.67 -4.09 20.93
C LYS B 75 14.06 -3.12 19.92
N GLU B 76 13.10 -2.31 20.38
CA GLU B 76 12.54 -1.22 19.55
C GLU B 76 13.59 -0.27 18.96
N THR B 77 14.57 0.15 19.78
CA THR B 77 15.63 1.05 19.31
C THR B 77 16.50 0.39 18.24
N THR B 78 16.85 -0.88 18.44
CA THR B 78 17.52 -1.70 17.42
C THR B 78 16.74 -1.79 16.11
N LEU B 79 15.43 -2.05 16.23
CA LEU B 79 14.58 -2.21 15.07
C LEU B 79 14.43 -0.90 14.30
N TYR B 80 14.10 0.17 15.02
CA TYR B 80 13.79 1.44 14.36
C TYR B 80 15.00 2.22 13.82
N SER B 81 16.19 2.00 14.41
CA SER B 81 17.40 2.52 13.73
C SER B 81 17.82 1.68 12.53
N ALA B 82 17.41 0.40 12.51
CA ALA B 82 17.67 -0.47 11.36
C ALA B 82 16.84 -0.05 10.13
N PHE B 83 15.55 0.24 10.35
CA PHE B 83 14.69 0.77 9.27
C PHE B 83 15.31 2.03 8.67
N ALA B 84 15.73 2.93 9.56
CA ALA B 84 16.33 4.21 9.17
C ALA B 84 17.54 3.98 8.28
N ARG B 85 18.49 3.17 8.76
CA ARG B 85 19.69 2.72 8.01
C ARG B 85 19.34 2.00 6.71
N LEU B 86 18.39 1.07 6.75
CA LEU B 86 17.98 0.33 5.56
C LEU B 86 17.41 1.26 4.48
N GLU B 87 16.63 2.25 4.91
CA GLU B 87 16.10 3.28 4.01
C GLU B 87 17.16 4.21 3.44
N LYS B 88 17.96 4.81 4.33
CA LYS B 88 19.05 5.68 3.93
C LYS B 88 19.91 5.00 2.85
N ASN B 89 20.26 3.74 3.11
CA ASN B 89 21.06 2.92 2.19
C ASN B 89 20.32 2.59 0.90
N GLY B 90 19.00 2.74 0.90
CA GLY B 90 18.18 2.42 -0.28
C GLY B 90 17.80 0.94 -0.46
N TYR B 91 17.65 0.23 0.66
CA TYR B 91 17.36 -1.22 0.61
C TYR B 91 15.89 -1.51 0.82
N ILE B 92 15.18 -0.53 1.38
CA ILE B 92 13.74 -0.61 1.60
C ILE B 92 13.16 0.77 1.35
N LYS B 93 11.86 0.80 1.00
CA LYS B 93 11.12 2.06 0.93
C LYS B 93 9.87 2.08 1.81
N SER B 94 9.67 3.20 2.49
CA SER B 94 8.47 3.43 3.27
C SER B 94 7.30 3.82 2.38
N TYR B 95 6.12 3.51 2.88
CA TYR B 95 4.90 4.06 2.33
C TYR B 95 3.89 4.10 3.44
N TYR B 96 2.72 4.68 3.15
CA TYR B 96 1.75 5.02 4.18
C TYR B 96 0.37 4.44 3.96
N GLY B 97 -0.15 3.73 4.96
CA GLY B 97 -1.54 3.24 4.99
C GLY B 97 -2.54 4.39 5.19
N GLU B 98 -3.83 4.05 5.31
CA GLU B 98 -4.89 5.05 5.48
C GLU B 98 -4.84 5.75 6.82
N GLU B 99 -5.29 7.00 6.83
CA GLU B 99 -5.35 7.81 8.03
C GLU B 99 -6.39 7.25 8.97
N THR B 100 -6.01 7.13 10.24
CA THR B 100 -6.90 6.67 11.31
C THR B 100 -6.35 7.00 12.71
N ARG B 104 -1.99 7.19 10.42
CA ARG B 104 -1.22 6.51 9.32
C ARG B 104 -0.05 5.59 9.75
N ARG B 105 -0.12 4.32 9.35
CA ARG B 105 0.95 3.34 9.59
C ARG B 105 2.04 3.42 8.52
N THR B 106 3.30 3.30 8.93
CA THR B 106 4.42 3.23 8.00
C THR B 106 4.72 1.76 7.67
N TYR B 107 4.61 1.45 6.37
CA TYR B 107 4.94 0.14 5.84
C TYR B 107 6.29 0.20 5.10
N TYR B 108 6.98 -0.93 5.01
CA TYR B 108 8.19 -0.97 4.20
C TYR B 108 8.07 -2.04 3.15
N ARG B 109 8.69 -1.77 2.01
CA ARG B 109 8.83 -2.72 0.92
C ARG B 109 10.31 -2.82 0.57
N ILE B 110 10.79 -4.03 0.32
CA ILE B 110 12.19 -4.23 -0.06
C ILE B 110 12.49 -3.74 -1.51
N THR B 111 13.65 -3.11 -1.73
CA THR B 111 14.09 -2.66 -3.07
C THR B 111 14.99 -3.71 -3.77
N PRO B 112 15.08 -3.66 -5.13
CA PRO B 112 16.05 -4.51 -5.83
C PRO B 112 17.46 -4.45 -5.26
N GLU B 113 17.87 -3.28 -4.78
CA GLU B 113 19.19 -3.05 -4.19
C GLU B 113 19.28 -3.71 -2.81
N GLY B 114 18.13 -3.86 -2.16
CA GLY B 114 18.01 -4.51 -0.86
C GLY B 114 18.02 -6.01 -0.99
N ILE B 115 17.51 -6.51 -2.11
CA ILE B 115 17.52 -7.96 -2.39
C ILE B 115 18.96 -8.43 -2.65
N LYS B 116 19.73 -7.58 -3.32
CA LYS B 116 21.13 -7.85 -3.63
C LYS B 116 22.03 -7.78 -2.40
N TYR B 117 21.77 -6.82 -1.50
CA TYR B 117 22.45 -6.79 -0.22
C TYR B 117 22.14 -8.04 0.60
N TYR B 118 20.89 -8.48 0.57
CA TYR B 118 20.45 -9.69 1.26
C TYR B 118 21.22 -10.92 0.75
N LYS B 119 21.36 -11.05 -0.58
CA LYS B 119 22.03 -12.22 -1.17
C LYS B 119 23.53 -12.27 -0.84
N GLN B 120 24.16 -11.10 -0.82
CA GLN B 120 25.55 -10.96 -0.39
C GLN B 120 25.72 -11.40 1.06
N LYS B 121 24.83 -10.94 1.93
CA LYS B 121 24.89 -11.28 3.35
C LYS B 121 24.57 -12.75 3.60
N CYS B 122 23.73 -13.33 2.74
CA CYS B 122 23.48 -14.78 2.78
C CYS B 122 24.78 -15.57 2.47
N GLU B 123 25.44 -15.22 1.37
CA GLU B 123 26.72 -15.83 1.04
C GLU B 123 27.76 -15.63 2.14
N GLU B 124 27.77 -14.45 2.74
CA GLU B 124 28.64 -14.16 3.85
C GLU B 124 28.37 -15.08 5.06
N TRP B 125 27.08 -15.30 5.36
CA TRP B 125 26.64 -16.16 6.46
C TRP B 125 27.07 -17.61 6.25
N GLU B 126 27.04 -18.04 4.99
CA GLU B 126 27.46 -19.39 4.64
C GLU B 126 28.98 -19.59 4.89
N LEU B 127 29.79 -18.64 4.42
CA LEU B 127 31.23 -18.58 4.75
C LEU B 127 31.53 -18.45 6.24
N THR B 128 30.84 -17.54 6.92
CA THR B 128 30.94 -17.42 8.37
C THR B 128 30.68 -18.76 9.09
N LYS B 129 29.53 -19.38 8.80
CA LYS B 129 29.24 -20.73 9.29
C LYS B 129 30.37 -21.76 9.01
N LYS B 130 30.82 -21.84 7.76
CA LYS B 130 31.90 -22.76 7.39
C LYS B 130 33.15 -22.57 8.24
N VAL B 131 33.54 -21.32 8.44
CA VAL B 131 34.68 -20.95 9.31
C VAL B 131 34.47 -21.42 10.76
N ILE B 132 33.32 -21.12 11.33
CA ILE B 132 33.16 -21.37 12.76
C ILE B 132 32.89 -22.85 13.08
N ASN B 133 32.12 -23.53 12.23
CA ASN B 133 31.94 -24.99 12.34
C ASN B 133 33.24 -25.82 12.35
N LYS B 134 34.31 -25.29 11.76
CA LYS B 134 35.64 -25.95 11.84
C LYS B 134 36.16 -26.07 13.26
N PHE B 135 35.85 -25.07 14.09
CA PHE B 135 36.44 -24.98 15.43
C PHE B 135 35.44 -25.31 16.52
N VAL B 136 34.20 -24.90 16.31
CA VAL B 136 33.15 -24.96 17.33
C VAL B 136 32.22 -26.14 17.02
N LYS B 137 32.55 -27.28 17.59
CA LYS B 137 32.00 -28.58 17.20
C LYS B 137 31.32 -29.24 18.38
HG HG C . -25.18 -0.92 -8.08
HG HG D . -29.23 -0.19 -8.80
UNK UNX E . -9.69 2.76 -11.82
UNK UNX F . -10.22 0.31 -10.68
UNK UNX G . -7.55 -0.45 -10.22
UNK UNX H . -11.17 -1.22 -12.71
HG HG I . 6.37 -16.50 7.44
HG HG J . 17.97 -20.44 26.05
UNK UNX K . 18.37 -13.24 22.32
UNK UNX L . 16.18 -12.37 23.02
UNK UNX M . 7.18 -19.01 18.88
UNK UNX N . 6.55 -17.13 20.41
UNK UNX O . 6.37 0.50 10.93
UNK UNX P . 8.37 2.31 11.29
UNK UNX Q . 6.58 -10.08 6.30
UNK UNX R . 20.74 -13.60 23.38
UNK UNX S . 4.14 -9.31 5.87
#